data_9NNF
#
_entry.id   9NNF
#
_cell.length_a   1.00
_cell.length_b   1.00
_cell.length_c   1.00
_cell.angle_alpha   90.00
_cell.angle_beta   90.00
_cell.angle_gamma   90.00
#
_symmetry.space_group_name_H-M   'P 1'
#
loop_
_entity.id
_entity.type
_entity.pdbx_description
1 polymer 'De-novo designed binder NY1-B04'
2 polymer 'HLA class I histocompatibility antigen, A alpha chain'
3 polymer Beta-2-microglobulin
4 polymer 'NY-ESO-1-derived peptide SLLMWITQC'
#
loop_
_entity_poly.entity_id
_entity_poly.type
_entity_poly.pdbx_seq_one_letter_code
_entity_poly.pdbx_strand_id
1 'polypeptide(L)'
;MKEELRAAAAELLAAAEALAEELRRLGLEEAAAHVLAAARHVAAALELIAATPASELNPELKREVAAHLREAAAHFEAAA
EIVAAEDPLAGAMLREAALAARSMAAYVLHSSPEEALQQAAVFATGLAGAMLTMTGLVRERLAAR
;
A
2 'polypeptide(L)'
;GSHSMRYFFTSVSRPGRGEPRFIAVGYVDDTQFVRFDSDAASQRMEPRAPWIEQEGPEYWDGETRKVKAHSQTHRVDLGT
LRGYYNQSEAGSHTVQRMYGCDVGSDWRFLRGYHQYAYDGKDYIALKEDLRSWTAADMAAQTTKHKWEAAHVAEQLRAYL
EGTCVEWLRRYLENGKETLQRTDAPKTHMTHHAVSDHEATLRCWALSFYPAEITLTWQRDGEDQTQDTELVETRPAGDGT
FQKWAAVVVPSGQEQRYTCHVQHEGLPKPLTLRWEP
;
B
3 'polypeptide(L)'
;MIQRTPKIQVYSRHPAENGKSNFLNCYVSGFHPSDIEVDLLKNGERIEKVEHSDLSFSKDWSFYLLYYTEFTPTEKDEYA
CRVNHVTLSQPKIVKWDRDM
;
C
4 'polypeptide(L)' SLLMWITQC D
#
# COMPACT_ATOMS: atom_id res chain seq x y z
N GLU A 3 0.76 4.00 29.21
CA GLU A 3 -0.22 2.94 29.02
C GLU A 3 0.01 1.80 30.00
N GLU A 4 1.23 1.70 30.52
CA GLU A 4 1.54 0.71 31.55
C GLU A 4 0.89 1.05 32.90
N LEU A 5 0.44 2.28 33.08
CA LEU A 5 -0.15 2.71 34.34
C LEU A 5 -1.59 2.19 34.42
N ARG A 6 -2.35 2.70 35.40
CA ARG A 6 -3.67 2.14 35.72
C ARG A 6 -4.62 2.27 34.53
N ALA A 7 -4.69 3.44 33.91
CA ALA A 7 -5.49 3.65 32.71
C ALA A 7 -4.58 3.53 31.48
N ALA A 8 -4.72 2.43 30.75
CA ALA A 8 -3.90 2.23 29.54
C ALA A 8 -4.20 3.29 28.50
N ALA A 9 -5.49 3.54 28.24
CA ALA A 9 -5.88 4.61 27.32
C ALA A 9 -7.30 5.04 27.72
N ALA A 10 -7.38 6.13 28.48
CA ALA A 10 -8.66 6.69 28.88
C ALA A 10 -9.19 7.71 27.88
N GLU A 11 -8.43 8.01 26.83
CA GLU A 11 -8.89 8.93 25.79
C GLU A 11 -9.98 8.32 24.91
N LEU A 12 -10.20 7.01 24.99
CA LEU A 12 -11.32 6.42 24.26
C LEU A 12 -12.65 6.96 24.76
N LEU A 13 -12.79 7.11 26.08
CA LEU A 13 -14.04 7.64 26.64
C LEU A 13 -14.27 9.08 26.20
N ALA A 14 -13.23 9.91 26.22
CA ALA A 14 -13.37 11.30 25.79
C ALA A 14 -13.65 11.39 24.29
N ALA A 15 -12.97 10.58 23.49
CA ALA A 15 -13.20 10.59 22.05
C ALA A 15 -14.60 10.12 21.70
N ALA A 16 -15.09 9.09 22.41
CA ALA A 16 -16.45 8.62 22.16
C ALA A 16 -17.48 9.62 22.67
N GLU A 17 -17.16 10.36 23.74
CA GLU A 17 -18.05 11.45 24.15
C GLU A 17 -18.14 12.52 23.08
N ALA A 18 -17.00 12.86 22.46
CA ALA A 18 -17.01 13.79 21.35
C ALA A 18 -17.81 13.24 20.17
N LEU A 19 -17.65 11.95 19.88
CA LEU A 19 -18.42 11.30 18.83
C LEU A 19 -19.92 11.36 19.12
N ALA A 20 -20.30 11.13 20.38
CA ALA A 20 -21.71 11.20 20.77
C ALA A 20 -22.26 12.60 20.60
N GLU A 21 -21.52 13.61 21.08
CA GLU A 21 -22.02 14.98 20.97
C GLU A 21 -22.13 15.44 19.52
N GLU A 22 -21.15 15.08 18.68
CA GLU A 22 -21.27 15.43 17.27
C GLU A 22 -22.24 14.52 16.54
N LEU A 23 -22.69 13.44 17.16
CA LEU A 23 -23.67 12.54 16.54
C LEU A 23 -25.10 12.83 17.01
N ARG A 24 -25.27 13.50 18.16
CA ARG A 24 -26.61 13.80 18.66
C ARG A 24 -27.34 14.79 17.76
N ARG A 25 -26.60 15.61 17.01
CA ARG A 25 -27.24 16.60 16.17
C ARG A 25 -27.99 15.99 15.00
N LEU A 26 -27.64 14.76 14.60
CA LEU A 26 -28.28 14.12 13.46
C LEU A 26 -28.67 12.69 13.82
N GLY A 27 -29.87 12.30 13.42
CA GLY A 27 -30.39 10.99 13.77
C GLY A 27 -30.83 10.94 15.22
N LEU A 28 -31.36 9.78 15.60
CA LEU A 28 -31.89 9.59 16.94
C LEU A 28 -30.75 9.41 17.94
N GLU A 29 -31.06 9.67 19.21
CA GLU A 29 -30.02 9.66 20.24
C GLU A 29 -29.65 8.28 20.74
N GLU A 30 -30.42 7.23 20.41
CA GLU A 30 -30.04 5.91 20.89
C GLU A 30 -28.77 5.40 20.21
N ALA A 31 -28.43 5.94 19.04
CA ALA A 31 -27.13 5.62 18.44
C ALA A 31 -26.00 6.14 19.32
N ALA A 32 -26.13 7.37 19.81
CA ALA A 32 -25.16 7.90 20.76
C ALA A 32 -25.17 7.09 22.05
N ALA A 33 -26.36 6.62 22.46
CA ALA A 33 -26.45 5.77 23.65
C ALA A 33 -25.67 4.48 23.46
N HIS A 34 -25.82 3.83 22.31
CA HIS A 34 -25.10 2.58 22.04
C HIS A 34 -23.60 2.83 21.95
N VAL A 35 -23.19 3.92 21.28
CA VAL A 35 -21.77 4.24 21.17
C VAL A 35 -21.16 4.50 22.54
N LEU A 36 -21.87 5.27 23.38
CA LEU A 36 -21.34 5.61 24.71
C LEU A 36 -21.35 4.40 25.64
N ALA A 37 -22.36 3.54 25.52
CA ALA A 37 -22.38 2.31 26.32
C ALA A 37 -21.25 1.37 25.92
N ALA A 38 -21.01 1.22 24.60
CA ALA A 38 -19.88 0.43 24.14
C ALA A 38 -18.57 1.03 24.62
N ALA A 39 -18.48 2.37 24.63
CA ALA A 39 -17.29 3.04 25.13
C ALA A 39 -17.06 2.76 26.60
N ARG A 40 -18.12 2.81 27.41
CA ARG A 40 -17.97 2.56 28.83
C ARG A 40 -17.60 1.09 29.10
N HIS A 41 -18.16 0.16 28.30
CA HIS A 41 -17.75 -1.24 28.44
C HIS A 41 -16.29 -1.44 28.07
N VAL A 42 -15.84 -0.82 26.98
CA VAL A 42 -14.45 -0.94 26.56
C VAL A 42 -13.53 -0.31 27.60
N ALA A 43 -13.91 0.85 28.14
CA ALA A 43 -13.10 1.51 29.15
C ALA A 43 -13.03 0.67 30.42
N ALA A 44 -14.15 0.07 30.83
CA ALA A 44 -14.14 -0.79 32.00
C ALA A 44 -13.27 -2.02 31.78
N ALA A 45 -13.34 -2.62 30.58
CA ALA A 45 -12.50 -3.78 30.29
C ALA A 45 -11.03 -3.41 30.28
N LEU A 46 -10.68 -2.26 29.69
CA LEU A 46 -9.29 -1.81 29.67
C LEU A 46 -8.79 -1.48 31.07
N GLU A 47 -9.65 -0.89 31.91
CA GLU A 47 -9.27 -0.63 33.29
C GLU A 47 -9.07 -1.93 34.06
N LEU A 48 -9.94 -2.91 33.84
CA LEU A 48 -9.85 -4.18 34.57
C LEU A 48 -8.62 -4.97 34.16
N ILE A 49 -8.34 -5.05 32.85
CA ILE A 49 -7.17 -5.78 32.40
C ILE A 49 -5.88 -4.99 32.71
N ALA A 50 -5.95 -3.66 32.67
CA ALA A 50 -4.75 -2.85 32.90
C ALA A 50 -4.35 -2.85 34.37
N ALA A 51 -5.33 -2.73 35.27
CA ALA A 51 -5.07 -2.82 36.71
C ALA A 51 -5.05 -4.29 37.13
N THR A 52 -4.04 -4.99 36.63
CA THR A 52 -3.90 -6.43 36.82
C THR A 52 -2.90 -6.74 37.92
N PRO A 53 -3.14 -7.81 38.68
CA PRO A 53 -2.12 -8.28 39.61
C PRO A 53 -1.01 -9.06 38.94
N ALA A 54 -1.24 -9.55 37.72
CA ALA A 54 -0.27 -10.32 36.92
C ALA A 54 0.24 -11.54 37.67
N LEU A 57 -3.57 -13.95 34.81
CA LEU A 57 -4.65 -13.49 35.69
C LEU A 57 -5.68 -14.59 35.90
N ASN A 58 -6.58 -14.34 36.84
CA ASN A 58 -7.71 -15.19 37.17
C ASN A 58 -8.56 -15.45 35.93
N PRO A 59 -8.78 -16.73 35.56
CA PRO A 59 -9.62 -17.04 34.39
C PRO A 59 -11.02 -16.43 34.43
N GLU A 60 -11.64 -16.36 35.62
CA GLU A 60 -12.96 -15.74 35.71
C GLU A 60 -12.93 -14.28 35.30
N LEU A 61 -11.89 -13.55 35.72
CA LEU A 61 -11.67 -12.18 35.27
C LEU A 61 -11.57 -12.11 33.75
N LYS A 62 -10.78 -13.00 33.14
CA LYS A 62 -10.73 -13.16 31.69
C LYS A 62 -12.13 -13.25 31.10
N ARG A 63 -12.96 -14.10 31.69
CA ARG A 63 -14.34 -14.25 31.21
C ARG A 63 -15.12 -12.94 31.32
N GLU A 64 -14.99 -12.24 32.45
CA GLU A 64 -15.65 -10.94 32.61
C GLU A 64 -15.21 -9.91 31.57
N VAL A 65 -13.90 -9.84 31.30
CA VAL A 65 -13.38 -8.95 30.27
C VAL A 65 -13.96 -9.31 28.91
N ALA A 66 -14.06 -10.61 28.64
CA ALA A 66 -14.71 -11.06 27.42
C ALA A 66 -16.16 -10.61 27.36
N ALA A 67 -16.86 -10.67 28.50
CA ALA A 67 -18.26 -10.25 28.54
C ALA A 67 -18.41 -8.77 28.25
N HIS A 68 -17.56 -7.93 28.86
CA HIS A 68 -17.61 -6.50 28.58
C HIS A 68 -17.28 -6.20 27.13
N LEU A 69 -16.25 -6.85 26.58
CA LEU A 69 -15.86 -6.59 25.19
C LEU A 69 -16.94 -7.05 24.21
N ARG A 70 -17.54 -8.22 24.46
CA ARG A 70 -18.60 -8.71 23.58
C ARG A 70 -19.85 -7.84 23.68
N GLU A 71 -20.17 -7.36 24.89
CA GLU A 71 -21.33 -6.49 25.03
C GLU A 71 -21.11 -5.16 24.34
N ALA A 72 -19.88 -4.62 24.45
CA ALA A 72 -19.54 -3.41 23.69
C ALA A 72 -19.60 -3.65 22.20
N ALA A 73 -19.19 -4.83 21.74
CA ALA A 73 -19.29 -5.17 20.33
C ALA A 73 -20.74 -5.23 19.89
N ALA A 74 -21.62 -5.79 20.73
CA ALA A 74 -23.04 -5.81 20.40
C ALA A 74 -23.62 -4.41 20.33
N HIS A 75 -23.21 -3.52 21.24
CA HIS A 75 -23.63 -2.13 21.18
C HIS A 75 -23.15 -1.47 19.89
N PHE A 76 -21.89 -1.70 19.53
CA PHE A 76 -21.35 -1.13 18.30
C PHE A 76 -22.10 -1.64 17.07
N GLU A 77 -22.42 -2.93 17.04
CA GLU A 77 -23.12 -3.50 15.90
C GLU A 77 -24.55 -2.98 15.79
N ALA A 78 -25.24 -2.84 16.92
CA ALA A 78 -26.58 -2.25 16.90
C ALA A 78 -26.53 -0.80 16.43
N ALA A 79 -25.52 -0.06 16.90
CA ALA A 79 -25.32 1.31 16.42
C ALA A 79 -25.05 1.33 14.92
N ALA A 80 -24.27 0.37 14.42
CA ALA A 80 -24.01 0.28 13.00
C ALA A 80 -25.28 0.01 12.22
N GLU A 81 -26.15 -0.84 12.75
CA GLU A 81 -27.44 -1.08 12.10
C GLU A 81 -28.28 0.19 12.05
N ILE A 82 -28.31 0.97 13.15
CA ILE A 82 -29.20 2.14 13.20
C ILE A 82 -28.54 3.42 12.72
N VAL A 83 -27.30 3.37 12.24
CA VAL A 83 -26.65 4.54 11.65
C VAL A 83 -26.39 4.38 10.16
N ALA A 84 -26.30 3.15 9.63
CA ALA A 84 -25.83 2.92 8.27
C ALA A 84 -26.71 3.51 7.19
N ALA A 85 -27.93 3.95 7.52
CA ALA A 85 -28.78 4.61 6.53
C ALA A 85 -28.14 5.90 6.01
N GLU A 86 -27.54 6.68 6.90
CA GLU A 86 -26.81 7.88 6.54
C GLU A 86 -25.33 7.68 6.85
N ASP A 87 -24.47 8.16 5.95
CA ASP A 87 -23.02 8.01 6.03
C ASP A 87 -22.67 6.52 6.12
N PRO A 88 -22.82 5.77 5.02
CA PRO A 88 -22.63 4.31 5.10
C PRO A 88 -21.24 3.87 5.54
N LEU A 89 -20.21 4.63 5.18
CA LEU A 89 -18.86 4.27 5.62
C LEU A 89 -18.69 4.40 7.13
N ALA A 90 -19.43 5.32 7.76
CA ALA A 90 -19.43 5.39 9.21
C ALA A 90 -20.01 4.10 9.81
N GLY A 91 -21.09 3.58 9.21
CA GLY A 91 -21.63 2.31 9.64
C GLY A 91 -20.67 1.16 9.42
N ALA A 92 -19.94 1.18 8.30
CA ALA A 92 -18.94 0.14 8.05
C ALA A 92 -17.81 0.21 9.09
N MET A 93 -17.38 1.42 9.44
CA MET A 93 -16.38 1.56 10.49
C MET A 93 -16.90 1.06 11.83
N LEU A 94 -18.18 1.30 12.12
CA LEU A 94 -18.77 0.79 13.34
C LEU A 94 -18.80 -0.74 13.36
N ARG A 95 -19.15 -1.35 12.21
CA ARG A 95 -19.13 -2.81 12.12
C ARG A 95 -17.71 -3.36 12.31
N GLU A 96 -16.72 -2.68 11.72
CA GLU A 96 -15.34 -3.09 11.90
C GLU A 96 -14.92 -2.97 13.36
N ALA A 97 -15.37 -1.91 14.04
CA ALA A 97 -15.06 -1.75 15.46
C ALA A 97 -15.68 -2.86 16.30
N ALA A 98 -16.92 -3.24 15.97
CA ALA A 98 -17.57 -4.33 16.69
C ALA A 98 -16.85 -5.66 16.49
N LEU A 99 -16.48 -5.96 15.25
CA LEU A 99 -15.74 -7.19 14.98
C LEU A 99 -14.36 -7.16 15.62
N ALA A 100 -13.73 -5.98 15.67
CA ALA A 100 -12.44 -5.83 16.34
C ALA A 100 -12.59 -6.09 17.84
N ALA A 101 -13.68 -5.62 18.45
CA ALA A 101 -13.91 -5.88 19.86
C ALA A 101 -14.11 -7.37 20.13
N ARG A 102 -14.90 -8.04 19.27
CA ARG A 102 -15.08 -9.49 19.43
C ARG A 102 -13.77 -10.24 19.28
N SER A 103 -12.98 -9.88 18.27
CA SER A 103 -11.70 -10.55 18.06
C SER A 103 -10.70 -10.23 19.17
N MET A 104 -10.77 -9.02 19.72
CA MET A 104 -9.91 -8.69 20.86
C MET A 104 -10.24 -9.53 22.07
N ALA A 105 -11.55 -9.73 22.34
CA ALA A 105 -11.93 -10.61 23.45
C ALA A 105 -11.46 -12.04 23.19
N ALA A 106 -11.67 -12.53 21.97
CA ALA A 106 -11.24 -13.89 21.63
C ALA A 106 -9.72 -14.03 21.76
N TYR A 107 -8.98 -12.94 21.54
CA TYR A 107 -7.55 -12.95 21.78
C TYR A 107 -7.27 -13.01 23.28
N VAL A 108 -7.93 -12.14 24.06
CA VAL A 108 -7.80 -12.05 25.51
C VAL A 108 -7.88 -13.41 26.17
N LEU A 109 -8.87 -14.23 25.78
CA LEU A 109 -8.90 -15.60 26.29
C LEU A 109 -7.64 -16.38 25.88
N HIS A 110 -7.36 -16.41 24.58
CA HIS A 110 -6.30 -17.27 24.03
C HIS A 110 -4.96 -16.53 23.93
N SER A 111 -4.50 -16.03 25.07
CA SER A 111 -3.23 -15.31 25.10
C SER A 111 -2.74 -15.20 26.54
N SER A 112 -1.44 -15.27 26.71
CA SER A 112 -0.84 -15.00 28.01
C SER A 112 -1.11 -13.54 28.41
N PRO A 113 -1.29 -13.26 29.70
CA PRO A 113 -1.50 -11.86 30.13
C PRO A 113 -0.39 -10.91 29.72
N GLU A 114 0.88 -11.35 29.80
CA GLU A 114 1.98 -10.48 29.38
C GLU A 114 1.92 -10.22 27.88
N GLU A 115 1.46 -11.20 27.10
CA GLU A 115 1.30 -11.01 25.67
C GLU A 115 0.13 -10.08 25.36
N ALA A 116 -0.92 -10.11 26.17
CA ALA A 116 -2.09 -9.28 25.95
C ALA A 116 -1.94 -7.87 26.50
N LEU A 117 -0.93 -7.61 27.33
CA LEU A 117 -0.73 -6.26 27.86
C LEU A 117 -0.49 -5.25 26.74
N GLN A 118 0.31 -5.61 25.73
CA GLN A 118 0.54 -4.70 24.62
C GLN A 118 -0.66 -4.66 23.68
N GLN A 119 -1.32 -5.80 23.48
CA GLN A 119 -2.41 -5.86 22.52
C GLN A 119 -3.65 -5.10 23.00
N ALA A 120 -3.86 -5.02 24.31
CA ALA A 120 -4.92 -4.16 24.82
C ALA A 120 -4.66 -2.70 24.46
N ALA A 121 -3.40 -2.27 24.60
CA ALA A 121 -3.03 -0.91 24.18
C ALA A 121 -3.21 -0.72 22.69
N VAL A 122 -2.85 -1.72 21.89
CA VAL A 122 -3.00 -1.62 20.43
C VAL A 122 -4.46 -1.50 20.04
N PHE A 123 -5.33 -2.31 20.66
CA PHE A 123 -6.75 -2.25 20.38
C PHE A 123 -7.35 -0.91 20.79
N ALA A 124 -6.96 -0.39 21.95
CA ALA A 124 -7.44 0.92 22.39
C ALA A 124 -6.96 2.01 21.45
N THR A 125 -5.72 1.93 21.01
CA THR A 125 -5.15 2.87 20.05
C THR A 125 -5.93 2.89 18.73
N GLY A 126 -6.16 1.70 18.16
CA GLY A 126 -6.90 1.62 16.92
C GLY A 126 -8.34 2.09 17.05
N LEU A 127 -9.00 1.71 18.14
CA LEU A 127 -10.39 2.12 18.34
C LEU A 127 -10.50 3.62 18.55
N ALA A 128 -9.55 4.22 19.27
CA ALA A 128 -9.56 5.67 19.46
C ALA A 128 -9.35 6.41 18.15
N GLY A 129 -8.41 5.92 17.32
CA GLY A 129 -8.21 6.52 16.01
C GLY A 129 -9.45 6.42 15.13
N ALA A 130 -10.08 5.24 15.13
CA ALA A 130 -11.30 5.06 14.35
C ALA A 130 -12.42 5.96 14.86
N MET A 131 -12.51 6.14 16.19
CA MET A 131 -13.52 7.02 16.75
C MET A 131 -13.29 8.47 16.34
N LEU A 132 -12.02 8.92 16.34
CA LEU A 132 -11.73 10.28 15.90
C LEU A 132 -12.08 10.47 14.42
N THR A 133 -11.74 9.49 13.59
CA THR A 133 -12.09 9.58 12.17
C THR A 133 -13.60 9.61 11.97
N MET A 134 -14.32 8.75 12.71
CA MET A 134 -15.77 8.72 12.61
C MET A 134 -16.38 10.03 13.05
N THR A 135 -15.79 10.66 14.09
CA THR A 135 -16.26 11.95 14.56
C THR A 135 -16.11 13.01 13.47
N GLY A 136 -14.94 13.02 12.81
CA GLY A 136 -14.74 13.96 11.72
C GLY A 136 -15.72 13.74 10.57
N LEU A 137 -15.98 12.48 10.24
CA LEU A 137 -16.89 12.17 9.13
C LEU A 137 -18.32 12.57 9.45
N VAL A 138 -18.81 12.23 10.65
CA VAL A 138 -20.17 12.63 11.00
C VAL A 138 -20.25 14.15 11.16
N ARG A 139 -19.14 14.79 11.55
CA ARG A 139 -19.13 16.25 11.66
C ARG A 139 -19.26 16.90 10.29
N GLU A 140 -18.55 16.39 9.28
CA GLU A 140 -18.69 16.99 7.96
C GLU A 140 -20.06 16.67 7.35
N ARG A 141 -20.64 15.52 7.67
CA ARG A 141 -22.02 15.29 7.24
C ARG A 141 -22.99 16.26 7.93
N LEU A 142 -22.72 16.59 9.19
CA LEU A 142 -23.50 17.62 9.88
C LEU A 142 -23.34 18.97 9.18
N ALA A 143 -22.12 19.32 8.77
CA ALA A 143 -21.89 20.59 8.10
C ALA A 143 -22.60 20.64 6.75
N ALA A 144 -22.55 19.55 5.98
CA ALA A 144 -23.25 19.51 4.70
C ALA A 144 -24.76 19.55 4.89
N ARG A 145 -25.26 18.86 5.92
CA ARG A 145 -26.68 18.76 6.29
C ARG A 145 -27.61 18.51 5.10
N GLY B 1 -13.59 -1.07 -16.85
CA GLY B 1 -13.50 0.00 -15.88
C GLY B 1 -13.57 -0.49 -14.44
N SER B 2 -12.41 -0.62 -13.81
CA SER B 2 -12.31 -1.11 -12.45
C SER B 2 -11.31 -0.25 -11.68
N HIS B 3 -11.48 -0.20 -10.37
CA HIS B 3 -10.58 0.55 -9.48
C HIS B 3 -10.14 -0.33 -8.34
N SER B 4 -9.20 0.17 -7.55
CA SER B 4 -8.61 -0.63 -6.49
C SER B 4 -7.99 0.28 -5.44
N MET B 5 -7.92 -0.21 -4.21
CA MET B 5 -7.14 0.42 -3.17
C MET B 5 -6.23 -0.63 -2.54
N ARG B 6 -4.96 -0.26 -2.34
CA ARG B 6 -3.96 -1.17 -1.80
C ARG B 6 -3.14 -0.44 -0.77
N TYR B 7 -2.65 -1.18 0.21
CA TYR B 7 -1.71 -0.67 1.20
C TYR B 7 -0.55 -1.64 1.31
N PHE B 8 0.67 -1.09 1.23
CA PHE B 8 1.90 -1.84 1.31
C PHE B 8 2.65 -1.41 2.56
N PHE B 9 3.21 -2.38 3.28
CA PHE B 9 3.94 -2.16 4.52
C PHE B 9 5.25 -2.93 4.47
N THR B 10 6.35 -2.22 4.70
CA THR B 10 7.67 -2.83 4.68
C THR B 10 8.40 -2.49 5.97
N SER B 11 8.68 -3.48 6.79
CA SER B 11 9.42 -3.29 8.03
C SER B 11 10.75 -4.01 7.89
N VAL B 12 11.84 -3.24 7.92
CA VAL B 12 13.18 -3.74 7.67
C VAL B 12 13.95 -3.67 8.99
N SER B 13 14.50 -4.81 9.40
CA SER B 13 15.21 -4.89 10.68
C SER B 13 16.62 -4.35 10.54
N ARG B 14 17.03 -3.54 11.52
CA ARG B 14 18.35 -2.91 11.53
C ARG B 14 19.06 -3.31 12.82
N PRO B 15 19.85 -4.38 12.79
CA PRO B 15 20.51 -4.85 14.03
C PRO B 15 21.70 -3.97 14.38
N GLY B 16 21.64 -3.32 15.54
CA GLY B 16 22.72 -2.50 16.02
C GLY B 16 22.50 -1.01 15.79
N ARG B 17 21.98 -0.64 14.63
CA ARG B 17 21.75 0.76 14.30
C ARG B 17 20.52 1.35 14.99
N GLY B 18 19.65 0.52 15.56
CA GLY B 18 18.51 1.01 16.29
C GLY B 18 17.31 0.11 16.07
N GLU B 19 16.13 0.71 16.18
CA GLU B 19 14.89 -0.01 15.93
C GLU B 19 14.65 -0.14 14.44
N PRO B 20 13.91 -1.18 14.02
CA PRO B 20 13.68 -1.40 12.59
C PRO B 20 12.90 -0.28 11.94
N ARG B 21 13.19 -0.02 10.67
CA ARG B 21 12.50 1.05 9.95
C ARG B 21 11.23 0.53 9.32
N PHE B 22 10.30 1.46 9.05
CA PHE B 22 8.96 1.13 8.61
C PHE B 22 8.56 2.06 7.48
N ILE B 23 8.04 1.50 6.39
CA ILE B 23 7.56 2.28 5.25
C ILE B 23 6.16 1.80 4.91
N ALA B 24 5.19 2.70 4.98
CA ALA B 24 3.80 2.40 4.65
C ALA B 24 3.37 3.29 3.50
N VAL B 25 2.76 2.69 2.47
CA VAL B 25 2.27 3.46 1.34
C VAL B 25 0.87 2.99 0.98
N GLY B 26 0.10 3.89 0.40
CA GLY B 26 -1.26 3.59 -0.02
C GLY B 26 -1.52 4.06 -1.43
N TYR B 27 -2.17 3.20 -2.20
CA TYR B 27 -2.43 3.43 -3.62
C TYR B 27 -3.91 3.32 -3.90
N VAL B 28 -4.42 4.23 -4.74
CA VAL B 28 -5.70 4.07 -5.40
C VAL B 28 -5.43 4.02 -6.89
N ASP B 29 -5.89 2.94 -7.54
CA ASP B 29 -5.51 2.60 -8.91
C ASP B 29 -4.00 2.49 -9.02
N ASP B 30 -3.34 3.55 -9.46
CA ASP B 30 -1.88 3.59 -9.48
C ASP B 30 -1.34 4.94 -8.98
N THR B 31 -2.14 5.68 -8.22
CA THR B 31 -1.74 6.95 -7.65
C THR B 31 -1.53 6.77 -6.15
N GLN B 32 -0.38 7.20 -5.65
CA GLN B 32 -0.09 7.14 -4.23
C GLN B 32 -0.75 8.33 -3.53
N PHE B 33 -1.35 8.07 -2.37
CA PHE B 33 -2.06 9.13 -1.67
C PHE B 33 -1.68 9.28 -0.20
N VAL B 34 -1.04 8.29 0.42
CA VAL B 34 -0.52 8.43 1.79
C VAL B 34 0.84 7.75 1.84
N ARG B 35 1.72 8.29 2.69
CA ARG B 35 3.04 7.72 2.89
C ARG B 35 3.39 7.75 4.37
N PHE B 36 4.40 6.97 4.73
CA PHE B 36 4.97 6.96 6.06
C PHE B 36 6.44 6.59 5.95
N ASP B 37 7.20 6.98 6.96
CA ASP B 37 8.61 6.62 7.05
C ASP B 37 9.02 6.78 8.51
N SER B 38 9.61 5.74 9.09
CA SER B 38 10.02 5.82 10.49
C SER B 38 11.10 6.89 10.68
N ASP B 39 12.00 7.02 9.72
CA ASP B 39 13.06 8.03 9.77
C ASP B 39 12.60 9.28 9.03
N ALA B 40 11.63 9.97 9.63
CA ALA B 40 11.07 11.19 9.05
C ALA B 40 11.05 12.29 10.09
N ALA B 41 10.99 13.54 9.61
CA ALA B 41 10.95 14.69 10.50
C ALA B 41 9.67 14.69 11.34
N SER B 42 8.53 14.53 10.68
CA SER B 42 7.23 14.45 11.36
C SER B 42 6.68 13.05 11.13
N GLN B 43 6.54 12.29 12.21
CA GLN B 43 6.04 10.92 12.14
C GLN B 43 4.52 10.95 12.03
N ARG B 44 4.04 11.22 10.82
CA ARG B 44 2.63 11.31 10.52
C ARG B 44 2.40 10.85 9.10
N MET B 45 1.13 10.63 8.75
CA MET B 45 0.76 10.21 7.40
C MET B 45 0.66 11.45 6.52
N GLU B 46 1.78 11.83 5.94
CA GLU B 46 1.82 13.01 5.09
C GLU B 46 1.11 12.72 3.77
N PRO B 47 0.18 13.57 3.34
CA PRO B 47 -0.49 13.36 2.06
C PRO B 47 0.42 13.68 0.88
N ARG B 48 0.14 13.02 -0.23
CA ARG B 48 0.78 13.33 -1.51
C ARG B 48 -0.22 13.85 -2.54
N ALA B 49 -1.31 13.13 -2.78
CA ALA B 49 -2.26 13.51 -3.82
C ALA B 49 -3.03 14.75 -3.42
N PRO B 50 -3.47 15.56 -4.38
CA PRO B 50 -4.29 16.74 -4.03
C PRO B 50 -5.69 16.39 -3.53
N TRP B 51 -6.25 15.26 -3.96
CA TRP B 51 -7.62 14.91 -3.61
C TRP B 51 -7.74 14.29 -2.22
N ILE B 52 -6.63 13.92 -1.59
CA ILE B 52 -6.68 13.39 -0.23
C ILE B 52 -6.57 14.48 0.83
N GLU B 53 -6.06 15.66 0.47
CA GLU B 53 -5.91 16.75 1.43
C GLU B 53 -7.23 17.35 1.88
N GLN B 54 -8.34 17.04 1.21
CA GLN B 54 -9.64 17.58 1.62
C GLN B 54 -10.09 17.03 2.97
N GLU B 55 -9.51 15.92 3.43
CA GLU B 55 -9.89 15.34 4.71
C GLU B 55 -9.42 16.22 5.86
N GLY B 56 -10.20 16.24 6.93
CA GLY B 56 -9.89 17.05 8.09
C GLY B 56 -8.75 16.49 8.91
N PRO B 57 -8.30 17.25 9.91
CA PRO B 57 -7.19 16.78 10.76
C PRO B 57 -7.51 15.52 11.54
N GLU B 58 -8.80 15.26 11.83
CA GLU B 58 -9.16 14.07 12.57
C GLU B 58 -8.79 12.81 11.81
N TYR B 59 -9.00 12.81 10.49
CA TYR B 59 -8.63 11.67 9.66
C TYR B 59 -7.12 11.43 9.71
N TRP B 60 -6.32 12.49 9.66
CA TRP B 60 -4.88 12.32 9.66
C TRP B 60 -4.37 11.86 11.02
N ASP B 61 -4.98 12.36 12.11
CA ASP B 61 -4.63 11.85 13.43
C ASP B 61 -4.96 10.37 13.56
N GLY B 62 -6.13 9.96 13.06
CA GLY B 62 -6.49 8.55 13.10
C GLY B 62 -5.55 7.68 12.29
N GLU B 63 -5.18 8.14 11.09
CA GLU B 63 -4.27 7.37 10.24
C GLU B 63 -2.89 7.26 10.87
N THR B 64 -2.37 8.37 11.42
CA THR B 64 -1.07 8.33 12.08
C THR B 64 -1.10 7.38 13.28
N ARG B 65 -2.18 7.41 14.05
CA ARG B 65 -2.32 6.56 15.21
C ARG B 65 -2.36 5.08 14.80
N LYS B 66 -3.12 4.76 13.75
CA LYS B 66 -3.21 3.38 13.28
C LYS B 66 -1.88 2.90 12.70
N VAL B 67 -1.15 3.78 12.00
CA VAL B 67 0.14 3.38 11.45
C VAL B 67 1.15 3.16 12.57
N LYS B 68 1.11 3.95 13.63
CA LYS B 68 1.98 3.69 14.77
C LYS B 68 1.67 2.34 15.40
N ALA B 69 0.37 2.00 15.50
CA ALA B 69 0.00 0.67 15.98
C ALA B 69 0.56 -0.42 15.06
N HIS B 70 0.47 -0.22 13.74
CA HIS B 70 1.03 -1.17 12.79
C HIS B 70 2.54 -1.31 12.94
N SER B 71 3.23 -0.20 13.22
CA SER B 71 4.67 -0.24 13.36
C SER B 71 5.09 -1.03 14.59
N GLN B 72 4.38 -0.83 15.71
CA GLN B 72 4.66 -1.65 16.89
C GLN B 72 4.38 -3.12 16.62
N THR B 73 3.28 -3.41 15.91
CA THR B 73 2.95 -4.78 15.55
C THR B 73 4.05 -5.41 14.69
N HIS B 74 4.60 -4.64 13.74
CA HIS B 74 5.62 -5.20 12.86
C HIS B 74 6.96 -5.39 13.56
N ARG B 75 7.30 -4.51 14.51
CA ARG B 75 8.50 -4.75 15.32
C ARG B 75 8.38 -6.03 16.12
N VAL B 76 7.23 -6.21 16.79
CA VAL B 76 7.01 -7.46 17.52
C VAL B 76 6.97 -8.64 16.57
N ASP B 77 6.51 -8.42 15.33
CA ASP B 77 6.45 -9.48 14.33
C ASP B 77 7.85 -9.93 13.92
N LEU B 78 8.76 -8.99 13.69
CA LEU B 78 10.15 -9.33 13.43
C LEU B 78 10.74 -10.13 14.58
N GLY B 79 10.49 -9.69 15.81
CA GLY B 79 11.00 -10.43 16.96
C GLY B 79 10.47 -11.86 17.03
N THR B 80 9.16 -12.02 16.86
CA THR B 80 8.55 -13.34 17.01
C THR B 80 8.91 -14.26 15.83
N LEU B 81 9.02 -13.71 14.62
CA LEU B 81 9.41 -14.53 13.49
C LEU B 81 10.87 -14.96 13.58
N ARG B 82 11.73 -14.09 14.09
CA ARG B 82 13.09 -14.51 14.41
C ARG B 82 13.09 -15.60 15.46
N GLY B 83 12.15 -15.52 16.41
CA GLY B 83 12.01 -16.59 17.39
C GLY B 83 11.61 -17.92 16.77
N TYR B 84 10.62 -17.90 15.87
CA TYR B 84 10.19 -19.13 15.20
C TYR B 84 11.30 -19.72 14.34
N TYR B 85 11.87 -18.91 13.44
CA TYR B 85 12.78 -19.45 12.43
C TYR B 85 14.16 -19.79 12.98
N ASN B 86 14.43 -19.47 14.24
CA ASN B 86 15.71 -19.77 14.89
C ASN B 86 16.90 -19.18 14.13
N GLN B 87 16.72 -17.94 13.66
CA GLN B 87 17.78 -17.25 12.93
C GLN B 87 18.53 -16.31 13.86
N SER B 88 19.82 -16.15 13.56
CA SER B 88 20.67 -15.29 14.37
C SER B 88 20.26 -13.83 14.22
N GLU B 89 20.39 -13.06 15.30
CA GLU B 89 20.00 -11.66 15.30
C GLU B 89 20.94 -10.79 14.49
N ALA B 90 22.08 -11.30 14.05
CA ALA B 90 23.00 -10.52 13.24
C ALA B 90 22.40 -10.17 11.88
N GLY B 91 21.65 -11.10 11.28
CA GLY B 91 21.12 -10.89 9.96
C GLY B 91 19.97 -9.90 9.93
N SER B 92 19.64 -9.47 8.72
CA SER B 92 18.55 -8.53 8.48
C SER B 92 17.43 -9.20 7.70
N HIS B 93 16.20 -9.00 8.15
CA HIS B 93 15.03 -9.67 7.58
C HIS B 93 13.91 -8.65 7.41
N THR B 94 13.17 -8.79 6.31
CA THR B 94 12.26 -7.73 5.84
C THR B 94 10.82 -8.22 5.78
N VAL B 95 10.03 -7.88 6.79
CA VAL B 95 8.62 -8.25 6.80
C VAL B 95 7.85 -7.37 5.83
N GLN B 96 6.99 -7.99 5.01
CA GLN B 96 6.24 -7.28 3.98
C GLN B 96 4.78 -7.66 4.10
N ARG B 97 3.90 -6.66 4.02
CA ARG B 97 2.46 -6.88 4.14
C ARG B 97 1.72 -6.11 3.05
N MET B 98 0.76 -6.76 2.42
CA MET B 98 -0.12 -6.15 1.44
C MET B 98 -1.55 -6.36 1.88
N TYR B 99 -2.41 -5.35 1.73
CA TYR B 99 -3.84 -5.64 1.76
C TYR B 99 -4.64 -4.54 1.07
N GLY B 100 -5.76 -4.95 0.51
CA GLY B 100 -6.60 -3.99 -0.18
C GLY B 100 -7.82 -4.66 -0.79
N CYS B 101 -8.58 -3.86 -1.53
CA CYS B 101 -9.82 -4.32 -2.14
C CYS B 101 -10.01 -3.69 -3.50
N ASP B 102 -10.67 -4.43 -4.40
CA ASP B 102 -10.91 -4.01 -5.77
C ASP B 102 -12.41 -3.86 -6.00
N VAL B 103 -12.78 -2.91 -6.87
CA VAL B 103 -14.18 -2.71 -7.25
C VAL B 103 -14.25 -2.59 -8.76
N GLY B 104 -15.46 -2.81 -9.29
CA GLY B 104 -15.73 -2.69 -10.71
C GLY B 104 -16.37 -1.37 -11.06
N SER B 105 -17.02 -1.35 -12.22
CA SER B 105 -17.72 -0.15 -12.67
C SER B 105 -18.90 0.18 -11.78
N ASP B 106 -19.54 -0.84 -11.19
CA ASP B 106 -20.63 -0.61 -10.24
C ASP B 106 -20.14 -0.13 -8.89
N TRP B 107 -18.83 -0.10 -8.67
CA TRP B 107 -18.20 0.31 -7.40
C TRP B 107 -18.61 -0.59 -6.24
N ARG B 108 -18.97 -1.83 -6.56
CA ARG B 108 -19.26 -2.85 -5.56
C ARG B 108 -18.05 -3.76 -5.38
N PHE B 109 -18.08 -4.54 -4.30
CA PHE B 109 -16.94 -5.39 -3.95
C PHE B 109 -16.75 -6.50 -4.97
N LEU B 110 -15.50 -6.75 -5.33
CA LEU B 110 -15.17 -7.84 -6.23
C LEU B 110 -14.12 -8.79 -5.67
N ARG B 111 -13.08 -8.28 -5.01
CA ARG B 111 -11.97 -9.12 -4.56
C ARG B 111 -11.17 -8.35 -3.52
N GLY B 112 -11.05 -8.91 -2.33
CA GLY B 112 -10.22 -8.34 -1.29
C GLY B 112 -9.10 -9.32 -0.96
N TYR B 113 -7.96 -8.79 -0.52
CA TYR B 113 -6.82 -9.66 -0.28
C TYR B 113 -5.90 -9.07 0.77
N HIS B 114 -5.16 -9.97 1.43
CA HIS B 114 -4.25 -9.66 2.52
C HIS B 114 -3.14 -10.70 2.50
N GLN B 115 -1.93 -10.27 2.18
CA GLN B 115 -0.78 -11.13 2.04
C GLN B 115 0.32 -10.68 2.99
N TYR B 116 1.17 -11.63 3.38
CA TYR B 116 2.19 -11.38 4.40
C TYR B 116 3.38 -12.29 4.10
N ALA B 117 4.58 -11.71 4.06
CA ALA B 117 5.78 -12.46 3.70
C ALA B 117 6.94 -12.08 4.60
N TYR B 118 7.78 -13.07 4.92
CA TYR B 118 8.93 -12.87 5.78
C TYR B 118 10.19 -12.51 5.01
N ASP B 119 10.60 -13.36 4.07
CA ASP B 119 11.74 -13.03 3.18
C ASP B 119 11.41 -13.54 1.78
N GLY B 120 10.74 -12.71 0.99
CA GLY B 120 10.44 -13.03 -0.39
C GLY B 120 9.34 -14.07 -0.59
N LYS B 121 9.58 -15.28 -0.07
CA LYS B 121 8.56 -16.31 -0.08
C LYS B 121 7.35 -15.87 0.72
N ASP B 122 6.16 -16.05 0.13
CA ASP B 122 4.95 -15.68 0.84
C ASP B 122 4.76 -16.55 2.07
N TYR B 123 4.54 -15.90 3.21
CA TYR B 123 4.44 -16.56 4.50
C TYR B 123 3.00 -16.97 4.81
N ILE B 124 2.10 -16.00 4.92
CA ILE B 124 0.68 -16.26 5.12
C ILE B 124 -0.13 -15.35 4.21
N ALA B 125 -1.00 -15.93 3.41
CA ALA B 125 -1.91 -15.19 2.57
C ALA B 125 -3.34 -15.46 2.99
N LEU B 126 -4.26 -14.61 2.54
CA LEU B 126 -5.68 -14.79 2.79
C LEU B 126 -6.36 -15.14 1.48
N LYS B 127 -7.09 -16.25 1.46
CA LYS B 127 -7.71 -16.73 0.23
C LYS B 127 -8.82 -15.80 -0.22
N GLU B 128 -9.28 -16.03 -1.46
CA GLU B 128 -10.36 -15.21 -2.01
C GLU B 128 -11.66 -15.42 -1.25
N ASP B 129 -11.85 -16.60 -0.65
CA ASP B 129 -13.02 -16.87 0.18
C ASP B 129 -13.00 -16.07 1.48
N LEU B 130 -11.87 -15.46 1.84
CA LEU B 130 -11.73 -14.61 3.02
C LEU B 130 -11.99 -15.38 4.31
N ARG B 131 -11.70 -16.67 4.32
CA ARG B 131 -11.95 -17.53 5.48
C ARG B 131 -10.68 -18.15 6.04
N SER B 132 -9.91 -18.83 5.21
CA SER B 132 -8.78 -19.64 5.67
C SER B 132 -7.47 -19.06 5.18
N TRP B 133 -6.44 -19.18 6.00
CA TRP B 133 -5.12 -18.62 5.70
C TRP B 133 -4.30 -19.65 4.94
N THR B 134 -3.81 -19.25 3.76
CA THR B 134 -2.86 -20.08 3.01
C THR B 134 -1.49 -19.92 3.67
N ALA B 135 -0.98 -21.01 4.24
CA ALA B 135 0.29 -21.01 4.93
C ALA B 135 1.26 -21.97 4.23
N ALA B 136 2.54 -21.63 4.27
CA ALA B 136 3.56 -22.41 3.57
C ALA B 136 4.43 -23.22 4.52
N ASP B 137 5.07 -22.58 5.49
CA ASP B 137 6.01 -23.26 6.38
C ASP B 137 5.35 -23.64 7.70
N MET B 138 6.13 -24.29 8.55
CA MET B 138 5.63 -24.73 9.86
C MET B 138 5.27 -23.55 10.75
N ALA B 139 6.13 -22.52 10.78
CA ALA B 139 5.83 -21.33 11.55
C ALA B 139 4.60 -20.62 10.99
N ALA B 140 4.44 -20.64 9.68
CA ALA B 140 3.23 -20.11 9.06
C ALA B 140 2.00 -20.88 9.51
N GLN B 141 2.11 -22.20 9.64
CA GLN B 141 1.01 -23.01 10.17
C GLN B 141 0.70 -22.63 11.62
N THR B 142 1.74 -22.41 12.42
CA THR B 142 1.52 -22.03 13.82
C THR B 142 0.79 -20.70 13.93
N THR B 143 1.22 -19.70 13.14
CA THR B 143 0.56 -18.41 13.17
C THR B 143 -0.84 -18.48 12.55
N LYS B 144 -1.03 -19.35 11.56
CA LYS B 144 -2.36 -19.58 11.01
C LYS B 144 -3.31 -20.11 12.08
N HIS B 145 -2.85 -21.09 12.86
CA HIS B 145 -3.68 -21.62 13.94
C HIS B 145 -3.94 -20.56 15.00
N LYS B 146 -2.93 -19.74 15.31
CA LYS B 146 -3.12 -18.66 16.27
C LYS B 146 -4.16 -17.65 15.80
N TRP B 147 -4.13 -17.29 14.52
CA TRP B 147 -5.07 -16.29 14.01
C TRP B 147 -6.47 -16.86 13.88
N GLU B 148 -6.58 -18.14 13.49
CA GLU B 148 -7.90 -18.77 13.44
C GLU B 148 -8.50 -18.91 14.83
N ALA B 149 -7.68 -19.22 15.83
CA ALA B 149 -8.17 -19.23 17.21
C ALA B 149 -8.55 -17.84 17.67
N ALA B 150 -7.83 -16.82 17.22
CA ALA B 150 -8.09 -15.45 17.63
C ALA B 150 -9.19 -14.77 16.83
N HIS B 151 -9.76 -15.46 15.83
CA HIS B 151 -10.85 -14.94 15.00
C HIS B 151 -10.45 -13.63 14.31
N VAL B 152 -9.38 -13.71 13.51
CA VAL B 152 -8.85 -12.53 12.83
C VAL B 152 -9.45 -12.46 11.42
N ALA B 153 -9.81 -13.62 10.87
CA ALA B 153 -10.33 -13.65 9.50
C ALA B 153 -11.66 -12.91 9.39
N GLU B 154 -12.50 -12.98 10.43
CA GLU B 154 -13.79 -12.29 10.39
C GLU B 154 -13.62 -10.77 10.38
N GLN B 155 -12.65 -10.26 11.15
CA GLN B 155 -12.41 -8.82 11.14
C GLN B 155 -11.91 -8.36 9.77
N LEU B 156 -11.04 -9.14 9.14
CA LEU B 156 -10.56 -8.78 7.81
C LEU B 156 -11.68 -8.89 6.77
N ARG B 157 -12.59 -9.85 6.94
CA ARG B 157 -13.79 -9.88 6.10
C ARG B 157 -14.59 -8.58 6.26
N ALA B 158 -14.86 -8.19 7.50
CA ALA B 158 -15.67 -7.00 7.75
C ALA B 158 -14.97 -5.75 7.24
N TYR B 159 -13.64 -5.73 7.26
CA TYR B 159 -12.90 -4.60 6.72
C TYR B 159 -12.97 -4.58 5.20
N LEU B 160 -12.41 -5.60 4.54
CA LEU B 160 -12.31 -5.62 3.09
C LEU B 160 -13.65 -5.70 2.38
N GLU B 161 -14.72 -6.06 3.09
CA GLU B 161 -16.05 -6.08 2.48
C GLU B 161 -16.66 -4.68 2.47
N GLY B 162 -16.85 -4.10 3.65
CA GLY B 162 -17.50 -2.82 3.76
C GLY B 162 -16.60 -1.61 3.86
N THR B 163 -15.63 -1.63 4.78
CA THR B 163 -14.89 -0.41 5.10
C THR B 163 -13.97 0.00 3.96
N CYS B 164 -13.20 -0.96 3.43
CA CYS B 164 -12.28 -0.67 2.34
C CYS B 164 -13.05 -0.19 1.10
N VAL B 165 -14.15 -0.86 0.77
CA VAL B 165 -14.93 -0.51 -0.42
C VAL B 165 -15.57 0.86 -0.25
N GLU B 166 -16.16 1.13 0.91
CA GLU B 166 -16.80 2.43 1.13
C GLU B 166 -15.78 3.55 1.13
N TRP B 167 -14.61 3.33 1.73
CA TRP B 167 -13.55 4.32 1.68
C TRP B 167 -13.10 4.56 0.24
N LEU B 168 -13.00 3.49 -0.55
CA LEU B 168 -12.58 3.63 -1.94
C LEU B 168 -13.60 4.43 -2.74
N ARG B 169 -14.89 4.15 -2.54
CA ARG B 169 -15.93 4.92 -3.22
C ARG B 169 -15.89 6.38 -2.82
N ARG B 170 -15.65 6.64 -1.53
CA ARG B 170 -15.48 8.02 -1.09
C ARG B 170 -14.28 8.69 -1.77
N TYR B 171 -13.18 7.95 -1.90
CA TYR B 171 -11.98 8.52 -2.51
C TYR B 171 -12.22 8.86 -3.97
N LEU B 172 -12.89 7.96 -4.69
CA LEU B 172 -13.18 8.22 -6.11
C LEU B 172 -14.16 9.37 -6.28
N GLU B 173 -15.22 9.42 -5.46
CA GLU B 173 -16.20 10.49 -5.59
C GLU B 173 -15.59 11.84 -5.23
N ASN B 174 -14.74 11.87 -4.19
CA ASN B 174 -14.08 13.10 -3.80
C ASN B 174 -13.11 13.57 -4.86
N GLY B 175 -12.37 12.65 -5.46
CA GLY B 175 -11.31 12.99 -6.39
C GLY B 175 -11.54 12.49 -7.80
N LYS B 176 -12.75 12.65 -8.33
CA LYS B 176 -13.09 12.12 -9.64
C LYS B 176 -12.27 12.76 -10.76
N GLU B 177 -11.81 14.00 -10.56
CA GLU B 177 -11.07 14.68 -11.62
C GLU B 177 -9.72 14.05 -11.88
N THR B 178 -9.13 13.41 -10.87
CA THR B 178 -7.80 12.83 -11.01
C THR B 178 -7.82 11.32 -11.24
N LEU B 179 -8.73 10.59 -10.58
CA LEU B 179 -8.74 9.13 -10.68
C LEU B 179 -9.53 8.62 -11.87
N GLN B 180 -10.66 9.26 -12.18
CA GLN B 180 -11.52 8.75 -13.25
C GLN B 180 -11.03 9.11 -14.64
N ARG B 181 -9.92 9.83 -14.76
CA ARG B 181 -9.35 10.11 -16.07
C ARG B 181 -8.83 8.83 -16.71
N THR B 182 -8.72 8.85 -18.03
CA THR B 182 -8.11 7.74 -18.77
C THR B 182 -7.45 8.36 -20.00
N ASP B 183 -6.14 8.59 -19.90
CA ASP B 183 -5.40 9.29 -20.95
C ASP B 183 -4.97 8.32 -22.03
N ALA B 184 -5.24 8.68 -23.28
CA ALA B 184 -4.80 7.86 -24.40
C ALA B 184 -3.29 7.99 -24.57
N PRO B 185 -2.58 6.91 -24.91
CA PRO B 185 -1.14 6.99 -25.07
C PRO B 185 -0.76 7.79 -26.30
N LYS B 186 0.18 8.73 -26.12
CA LYS B 186 0.73 9.51 -27.24
C LYS B 186 1.81 8.68 -27.92
N THR B 187 1.36 7.67 -28.67
CA THR B 187 2.25 6.72 -29.29
C THR B 187 3.00 7.34 -30.47
N HIS B 188 4.18 6.80 -30.73
CA HIS B 188 4.95 7.15 -31.93
C HIS B 188 5.90 5.99 -32.21
N MET B 189 6.78 6.18 -33.19
CA MET B 189 7.71 5.12 -33.58
C MET B 189 9.05 5.73 -33.94
N THR B 190 10.12 5.01 -33.59
CA THR B 190 11.48 5.45 -33.87
C THR B 190 12.24 4.33 -34.55
N HIS B 191 13.26 4.72 -35.30
CA HIS B 191 14.03 3.83 -36.15
C HIS B 191 15.51 4.02 -35.91
N HIS B 192 16.27 2.93 -35.93
CA HIS B 192 17.72 3.01 -35.88
C HIS B 192 18.27 1.83 -36.66
N ALA B 193 19.54 1.95 -37.07
CA ALA B 193 20.17 0.90 -37.85
C ALA B 193 21.55 0.57 -37.28
N VAL B 194 21.94 -0.69 -37.38
CA VAL B 194 23.27 -1.14 -36.99
C VAL B 194 23.85 -1.96 -38.15
N SER B 195 25.09 -1.64 -38.53
CA SER B 195 25.89 -2.29 -39.57
C SER B 195 25.25 -2.25 -40.96
N ASP B 196 24.18 -1.47 -41.15
CA ASP B 196 23.48 -1.26 -42.42
C ASP B 196 22.86 -2.54 -42.99
N HIS B 197 22.82 -3.63 -42.22
CA HIS B 197 22.20 -4.87 -42.63
C HIS B 197 21.12 -5.33 -41.65
N GLU B 198 20.80 -4.53 -40.64
CA GLU B 198 19.87 -4.92 -39.60
C GLU B 198 19.44 -3.67 -38.83
N ALA B 199 18.14 -3.53 -38.56
CA ALA B 199 17.61 -2.28 -38.05
C ALA B 199 16.64 -2.52 -36.90
N THR B 200 16.71 -1.66 -35.89
CA THR B 200 15.83 -1.72 -34.73
C THR B 200 14.67 -0.74 -34.90
N LEU B 201 13.46 -1.25 -34.70
CA LEU B 201 12.24 -0.44 -34.71
C LEU B 201 11.64 -0.42 -33.30
N ARG B 202 11.22 0.76 -32.85
CA ARG B 202 10.69 0.93 -31.51
C ARG B 202 9.34 1.61 -31.56
N CYS B 203 8.34 0.99 -30.93
CA CYS B 203 7.01 1.57 -30.76
C CYS B 203 6.92 2.13 -29.35
N TRP B 204 6.62 3.42 -29.24
CA TRP B 204 6.70 4.14 -27.98
C TRP B 204 5.32 4.61 -27.55
N ALA B 205 5.03 4.44 -26.25
CA ALA B 205 3.86 5.05 -25.62
C ALA B 205 4.36 5.91 -24.48
N LEU B 206 4.01 7.19 -24.50
CA LEU B 206 4.63 8.20 -23.66
C LEU B 206 3.82 8.58 -22.43
N SER B 207 2.56 8.97 -22.61
CA SER B 207 1.74 9.45 -21.51
C SER B 207 0.39 8.74 -21.51
N PHE B 208 0.11 8.01 -20.44
CA PHE B 208 -1.17 7.37 -20.21
C PHE B 208 -1.28 7.02 -18.74
N TYR B 209 -2.44 7.25 -18.15
CA TYR B 209 -2.56 7.08 -16.70
C TYR B 209 -2.77 5.62 -16.25
N PRO B 210 -3.68 4.83 -16.83
CA PRO B 210 -3.80 3.44 -16.37
C PRO B 210 -2.56 2.63 -16.75
N ALA B 211 -2.01 1.95 -15.75
CA ALA B 211 -0.73 1.26 -15.93
C ALA B 211 -0.84 0.07 -16.87
N GLU B 212 -2.04 -0.47 -17.05
CA GLU B 212 -2.23 -1.65 -17.90
C GLU B 212 -2.29 -1.20 -19.35
N ILE B 213 -1.23 -1.47 -20.10
CA ILE B 213 -1.19 -1.23 -21.53
C ILE B 213 -0.64 -2.48 -22.19
N THR B 214 -1.05 -2.71 -23.44
CA THR B 214 -0.61 -3.87 -24.21
C THR B 214 0.01 -3.39 -25.50
N LEU B 215 1.34 -3.44 -25.58
CA LEU B 215 2.05 -3.15 -26.82
C LEU B 215 2.44 -4.47 -27.47
N THR B 216 2.02 -4.65 -28.72
CA THR B 216 2.32 -5.88 -29.46
C THR B 216 2.89 -5.49 -30.81
N TRP B 217 4.19 -5.69 -30.98
CA TRP B 217 4.79 -5.57 -32.30
C TRP B 217 4.70 -6.92 -32.99
N GLN B 218 4.31 -6.90 -34.26
CA GLN B 218 4.18 -8.17 -34.97
C GLN B 218 4.35 -7.93 -36.47
N ARG B 219 4.55 -9.03 -37.19
CA ARG B 219 4.75 -9.01 -38.62
C ARG B 219 3.40 -8.85 -39.31
N ASP B 220 3.36 -9.13 -40.62
CA ASP B 220 2.08 -9.24 -41.31
C ASP B 220 1.24 -10.37 -40.72
N GLY B 221 1.89 -11.48 -40.35
CA GLY B 221 1.26 -12.48 -39.53
C GLY B 221 1.15 -12.06 -38.08
N GLU B 222 0.36 -12.80 -37.32
CA GLU B 222 0.06 -12.45 -35.94
C GLU B 222 0.97 -13.19 -34.96
N ASP B 223 1.07 -12.61 -33.76
CA ASP B 223 1.76 -13.20 -32.61
C ASP B 223 3.24 -13.48 -32.90
N GLN B 224 3.99 -12.40 -33.10
CA GLN B 224 5.44 -12.46 -33.21
C GLN B 224 6.00 -11.82 -31.93
N THR B 225 6.19 -12.66 -30.91
CA THR B 225 6.62 -12.20 -29.59
C THR B 225 8.08 -12.51 -29.30
N GLN B 226 8.64 -13.55 -29.93
CA GLN B 226 9.99 -14.00 -29.62
C GLN B 226 11.04 -12.94 -29.94
N ASP B 227 10.78 -12.08 -30.92
CA ASP B 227 11.75 -11.09 -31.37
C ASP B 227 11.57 -9.73 -30.68
N THR B 228 10.67 -9.62 -29.71
CA THR B 228 10.36 -8.33 -29.09
C THR B 228 11.12 -8.20 -27.78
N GLU B 229 11.86 -7.09 -27.65
CA GLU B 229 12.47 -6.69 -26.38
C GLU B 229 11.52 -5.71 -25.72
N LEU B 230 10.67 -6.21 -24.84
CA LEU B 230 9.62 -5.41 -24.21
C LEU B 230 10.06 -5.04 -22.79
N VAL B 231 10.01 -3.77 -22.49
CA VAL B 231 10.41 -3.26 -21.18
C VAL B 231 9.16 -3.09 -20.33
N GLU B 232 9.27 -3.43 -19.04
CA GLU B 232 8.17 -3.27 -18.11
C GLU B 232 7.79 -1.78 -17.99
N THR B 233 6.56 -1.56 -17.52
CA THR B 233 5.98 -0.22 -17.50
C THR B 233 6.78 0.71 -16.61
N ARG B 234 7.07 1.91 -17.11
CA ARG B 234 7.97 2.85 -16.46
C ARG B 234 7.18 4.03 -15.93
N PRO B 235 7.10 4.26 -14.61
CA PRO B 235 6.42 5.45 -14.13
C PRO B 235 7.22 6.70 -14.43
N ALA B 236 6.58 7.67 -15.08
CA ALA B 236 7.26 8.91 -15.43
C ALA B 236 7.38 9.87 -14.27
N GLY B 237 6.66 9.63 -13.17
CA GLY B 237 6.69 10.50 -12.02
C GLY B 237 5.60 11.55 -11.98
N ASP B 238 4.98 11.84 -13.11
CA ASP B 238 3.87 12.78 -13.19
C ASP B 238 2.53 12.07 -13.09
N GLY B 239 2.53 10.77 -12.80
CA GLY B 239 1.34 9.96 -12.82
C GLY B 239 1.13 9.22 -14.11
N THR B 240 1.69 9.72 -15.22
CA THR B 240 1.65 9.01 -16.48
C THR B 240 2.73 7.93 -16.50
N PHE B 241 2.56 6.98 -17.41
CA PHE B 241 3.48 5.85 -17.55
C PHE B 241 3.94 5.77 -19.00
N GLN B 242 5.09 5.12 -19.20
CA GLN B 242 5.70 4.97 -20.52
C GLN B 242 6.04 3.51 -20.76
N LYS B 243 6.10 3.14 -22.03
CA LYS B 243 6.59 1.81 -22.41
C LYS B 243 7.03 1.82 -23.86
N TRP B 244 8.16 1.19 -24.13
CA TRP B 244 8.67 1.08 -25.50
C TRP B 244 8.91 -0.39 -25.82
N ALA B 245 8.34 -0.85 -26.94
CA ALA B 245 8.48 -2.22 -27.40
C ALA B 245 9.22 -2.21 -28.74
N ALA B 246 10.30 -2.97 -28.82
CA ALA B 246 11.19 -2.88 -29.98
C ALA B 246 11.47 -4.26 -30.55
N VAL B 247 11.75 -4.28 -31.84
CA VAL B 247 12.21 -5.46 -32.54
C VAL B 247 13.46 -5.10 -33.34
N VAL B 248 14.21 -6.13 -33.73
CA VAL B 248 15.44 -5.96 -34.47
C VAL B 248 15.27 -6.78 -35.75
N VAL B 249 14.87 -6.13 -36.83
CA VAL B 249 14.52 -6.79 -38.08
C VAL B 249 15.76 -6.90 -38.97
N PRO B 250 15.93 -8.01 -39.69
CA PRO B 250 17.10 -8.17 -40.56
C PRO B 250 16.95 -7.51 -41.92
N SER B 251 15.71 -7.48 -42.45
CA SER B 251 15.51 -7.07 -43.84
C SER B 251 15.78 -5.58 -44.03
N GLY B 252 15.16 -4.73 -43.21
CA GLY B 252 15.28 -3.30 -43.39
C GLY B 252 14.41 -2.77 -44.52
N GLN B 253 13.92 -1.53 -44.36
CA GLN B 253 13.03 -0.88 -45.32
C GLN B 253 11.78 -1.75 -45.55
N GLU B 254 11.04 -1.96 -44.47
CA GLU B 254 9.93 -2.91 -44.46
C GLU B 254 8.65 -2.20 -44.05
N GLN B 255 7.61 -2.36 -44.86
CA GLN B 255 6.26 -1.96 -44.51
C GLN B 255 5.43 -3.12 -43.97
N ARG B 256 6.06 -4.27 -43.73
CA ARG B 256 5.36 -5.47 -43.27
C ARG B 256 5.18 -5.52 -41.76
N TYR B 257 5.77 -4.59 -41.02
CA TYR B 257 5.78 -4.64 -39.57
C TYR B 257 4.78 -3.65 -38.97
N THR B 258 4.07 -4.09 -37.93
CA THR B 258 2.98 -3.33 -37.35
C THR B 258 3.13 -3.29 -35.84
N CYS B 259 2.61 -2.21 -35.24
CA CYS B 259 2.52 -2.07 -33.79
C CYS B 259 1.06 -1.91 -33.40
N HIS B 260 0.61 -2.71 -32.43
CA HIS B 260 -0.74 -2.61 -31.91
C HIS B 260 -0.71 -2.16 -30.46
N VAL B 261 -1.47 -1.11 -30.16
CA VAL B 261 -1.55 -0.53 -28.83
C VAL B 261 -2.97 -0.75 -28.32
N GLN B 262 -3.10 -1.56 -27.27
CA GLN B 262 -4.38 -1.80 -26.63
C GLN B 262 -4.37 -1.16 -25.25
N HIS B 263 -5.33 -0.27 -25.01
CA HIS B 263 -5.39 0.49 -23.76
C HIS B 263 -6.81 0.98 -23.58
N GLU B 264 -7.16 1.27 -22.31
CA GLU B 264 -8.50 1.73 -21.99
C GLU B 264 -8.80 3.08 -22.64
N GLY B 265 -7.80 3.94 -22.75
CA GLY B 265 -8.00 5.24 -23.37
C GLY B 265 -8.36 5.15 -24.84
N LEU B 266 -7.82 4.15 -25.53
CA LEU B 266 -8.10 3.99 -26.95
C LEU B 266 -9.41 3.22 -27.14
N PRO B 267 -10.41 3.82 -27.79
CA PRO B 267 -11.65 3.06 -28.06
C PRO B 267 -11.44 1.84 -28.94
N LYS B 268 -10.48 1.90 -29.86
CA LYS B 268 -10.12 0.80 -30.73
C LYS B 268 -8.62 0.58 -30.65
N PRO B 269 -8.15 -0.68 -30.70
CA PRO B 269 -6.70 -0.93 -30.65
C PRO B 269 -5.94 -0.24 -31.77
N LEU B 270 -5.10 0.73 -31.40
CA LEU B 270 -4.49 1.61 -32.38
C LEU B 270 -3.36 0.89 -33.10
N THR B 271 -3.30 1.09 -34.42
CA THR B 271 -2.33 0.42 -35.27
C THR B 271 -1.35 1.46 -35.82
N LEU B 272 -0.06 1.21 -35.63
CA LEU B 272 1.01 2.06 -36.14
C LEU B 272 1.80 1.29 -37.18
N ARG B 273 2.03 1.96 -38.32
CA ARG B 273 2.80 1.41 -39.43
C ARG B 273 4.05 2.26 -39.58
N TRP B 274 5.17 1.64 -39.93
CA TRP B 274 6.42 2.37 -40.04
C TRP B 274 6.35 3.39 -41.18
N GLU B 275 6.78 4.61 -40.89
CA GLU B 275 6.73 5.70 -41.85
C GLU B 275 8.11 5.92 -42.43
N PRO B 276 8.35 5.64 -43.72
CA PRO B 276 9.66 5.85 -44.36
C PRO B 276 10.09 7.31 -44.35
N MET C 1 18.56 -17.48 2.50
CA MET C 1 17.91 -16.20 2.24
C MET C 1 17.85 -15.90 0.75
N ILE C 2 16.65 -15.67 0.23
CA ILE C 2 16.48 -15.39 -1.18
C ILE C 2 16.93 -13.96 -1.46
N GLN C 3 17.45 -13.74 -2.67
CA GLN C 3 17.92 -12.42 -3.07
C GLN C 3 17.75 -12.28 -4.58
N ARG C 4 17.55 -11.04 -5.03
CA ARG C 4 17.37 -10.74 -6.44
C ARG C 4 18.21 -9.54 -6.84
N THR C 5 18.53 -9.47 -8.14
CA THR C 5 19.36 -8.42 -8.69
C THR C 5 18.52 -7.30 -9.29
N PRO C 6 18.99 -6.06 -9.22
CA PRO C 6 18.24 -4.93 -9.76
C PRO C 6 18.11 -4.99 -11.27
N LYS C 7 17.00 -4.44 -11.76
CA LYS C 7 16.76 -4.23 -13.19
C LYS C 7 16.68 -2.73 -13.41
N ILE C 8 17.77 -2.14 -13.86
CA ILE C 8 17.99 -0.70 -13.80
C ILE C 8 17.58 -0.09 -15.13
N GLN C 9 16.86 1.04 -15.07
CA GLN C 9 16.45 1.75 -16.28
C GLN C 9 16.63 3.24 -16.07
N VAL C 10 17.03 3.94 -17.13
CA VAL C 10 17.24 5.39 -17.10
C VAL C 10 16.49 6.01 -18.27
N TYR C 11 15.72 7.05 -18.00
CA TYR C 11 14.93 7.70 -19.05
C TYR C 11 14.53 9.10 -18.59
N SER C 12 13.63 9.73 -19.35
CA SER C 12 13.18 11.08 -19.08
C SER C 12 11.66 11.11 -19.09
N ARG C 13 11.10 12.02 -18.29
CA ARG C 13 9.64 12.19 -18.25
C ARG C 13 9.10 12.62 -19.60
N HIS C 14 9.78 13.57 -20.24
CA HIS C 14 9.40 14.10 -21.53
C HIS C 14 10.41 13.69 -22.58
N PRO C 15 10.04 13.67 -23.86
CA PRO C 15 11.02 13.32 -24.90
C PRO C 15 12.18 14.30 -24.93
N ALA C 16 13.36 13.78 -25.20
CA ALA C 16 14.60 14.53 -25.05
C ALA C 16 14.68 15.60 -26.14
N GLU C 17 14.45 16.85 -25.76
CA GLU C 17 14.66 18.00 -26.62
C GLU C 17 15.63 18.93 -25.92
N ASN C 18 16.69 19.31 -26.64
CA ASN C 18 17.75 20.12 -26.03
C ASN C 18 17.22 21.50 -25.68
N GLY C 19 17.60 21.98 -24.49
CA GLY C 19 17.17 23.26 -23.99
C GLY C 19 15.88 23.25 -23.20
N LYS C 20 15.17 22.12 -23.18
CA LYS C 20 13.94 21.99 -22.41
C LYS C 20 14.21 21.14 -21.18
N SER C 21 13.87 21.67 -20.01
CA SER C 21 14.15 20.99 -18.75
C SER C 21 13.30 19.73 -18.62
N ASN C 22 13.96 18.61 -18.29
CA ASN C 22 13.30 17.32 -18.14
C ASN C 22 13.78 16.69 -16.85
N PHE C 23 13.07 15.66 -16.40
CA PHE C 23 13.43 14.95 -15.18
C PHE C 23 14.09 13.63 -15.55
N LEU C 24 15.35 13.48 -15.16
CA LEU C 24 16.04 12.21 -15.28
C LEU C 24 15.47 11.24 -14.27
N ASN C 25 15.04 10.07 -14.75
CA ASN C 25 14.45 9.03 -13.92
C ASN C 25 15.36 7.82 -13.96
N CYS C 26 15.82 7.38 -12.78
CA CYS C 26 16.45 6.08 -12.62
C CYS C 26 15.44 5.20 -11.88
N TYR C 27 14.88 4.23 -12.59
CA TYR C 27 13.85 3.35 -12.06
C TYR C 27 14.42 1.95 -11.93
N VAL C 28 14.31 1.39 -10.73
CA VAL C 28 14.86 0.08 -10.42
C VAL C 28 13.75 -0.78 -9.83
N SER C 29 13.74 -2.07 -10.19
CA SER C 29 12.65 -2.93 -9.79
C SER C 29 13.07 -4.30 -9.27
N GLY C 30 14.36 -4.58 -9.13
CA GLY C 30 14.74 -5.88 -8.63
C GLY C 30 14.62 -6.02 -7.12
N PHE C 31 15.51 -5.34 -6.38
CA PHE C 31 15.38 -5.03 -4.95
C PHE C 31 14.70 -6.03 -4.04
N HIS C 32 15.22 -7.24 -3.89
CA HIS C 32 14.63 -7.96 -2.76
C HIS C 32 15.21 -7.47 -1.42
N PRO C 33 16.52 -7.26 -1.27
CA PRO C 33 16.99 -6.55 -0.07
C PRO C 33 16.75 -5.05 -0.21
N SER C 34 16.21 -4.45 0.86
CA SER C 34 15.90 -3.03 0.83
C SER C 34 17.16 -2.18 0.75
N ASP C 35 18.23 -2.59 1.42
CA ASP C 35 19.45 -1.80 1.48
C ASP C 35 20.04 -1.62 0.09
N ILE C 36 20.43 -0.38 -0.22
CA ILE C 36 20.79 -0.01 -1.58
C ILE C 36 21.55 1.31 -1.55
N GLU C 37 22.42 1.50 -2.55
CA GLU C 37 23.09 2.79 -2.77
C GLU C 37 23.02 3.11 -4.27
N VAL C 38 22.03 3.89 -4.67
CA VAL C 38 21.85 4.27 -6.06
C VAL C 38 22.10 5.77 -6.17
N ASP C 39 22.96 6.17 -7.11
CA ASP C 39 23.32 7.57 -7.30
C ASP C 39 23.27 7.91 -8.78
N LEU C 40 22.60 9.01 -9.11
CA LEU C 40 22.67 9.52 -10.46
C LEU C 40 24.02 10.19 -10.71
N LEU C 41 24.33 10.41 -11.99
CA LEU C 41 25.64 10.88 -12.38
C LEU C 41 25.50 11.74 -13.63
N LYS C 42 26.25 12.84 -13.67
CA LYS C 42 26.41 13.61 -14.89
C LYS C 42 27.91 13.82 -15.11
N ASN C 43 28.40 13.34 -16.27
CA ASN C 43 29.81 13.39 -16.63
C ASN C 43 30.70 12.75 -15.57
N GLY C 44 30.21 11.71 -14.91
CA GLY C 44 30.97 11.03 -13.89
C GLY C 44 30.93 11.66 -12.51
N GLU C 45 30.08 12.66 -12.28
CA GLU C 45 29.98 13.30 -10.98
C GLU C 45 28.51 13.33 -10.55
N ARG C 46 28.29 13.04 -9.27
CA ARG C 46 26.92 12.85 -8.77
C ARG C 46 26.19 14.18 -8.67
N ILE C 47 24.90 14.16 -9.02
CA ILE C 47 24.06 15.35 -8.93
C ILE C 47 23.84 15.67 -7.44
N GLU C 48 23.80 16.98 -7.13
CA GLU C 48 23.78 17.44 -5.75
C GLU C 48 22.54 16.95 -5.01
N LYS C 49 21.38 17.03 -5.64
CA LYS C 49 20.13 16.67 -4.98
C LYS C 49 19.43 15.56 -5.75
N VAL C 50 18.92 14.57 -5.00
CA VAL C 50 18.09 13.52 -5.55
C VAL C 50 16.83 13.42 -4.70
N GLU C 51 15.78 12.91 -5.31
CA GLU C 51 14.48 12.76 -4.65
C GLU C 51 13.98 11.36 -4.92
N HIS C 52 13.89 10.54 -3.87
CA HIS C 52 13.61 9.12 -4.00
C HIS C 52 12.15 8.82 -3.72
N SER C 53 11.56 7.98 -4.56
CA SER C 53 10.20 7.51 -4.33
C SER C 53 10.20 6.50 -3.18
N ASP C 54 9.03 6.30 -2.59
CA ASP C 54 8.89 5.39 -1.46
C ASP C 54 8.91 3.95 -1.92
N LEU C 55 9.34 3.07 -1.02
CA LEU C 55 9.43 1.65 -1.32
C LEU C 55 8.04 1.05 -1.44
N SER C 56 7.74 0.50 -2.61
CA SER C 56 6.44 -0.13 -2.87
C SER C 56 6.70 -1.43 -3.61
N PHE C 57 6.54 -2.55 -2.93
CA PHE C 57 6.76 -3.84 -3.56
C PHE C 57 5.58 -4.25 -4.44
N SER C 58 5.88 -4.94 -5.52
CA SER C 58 4.85 -5.52 -6.38
C SER C 58 4.38 -6.85 -5.78
N LYS C 59 3.53 -7.56 -6.53
CA LYS C 59 3.05 -8.85 -6.10
C LYS C 59 4.12 -9.92 -6.07
N ASP C 60 5.28 -9.67 -6.69
CA ASP C 60 6.42 -10.58 -6.63
C ASP C 60 7.27 -10.36 -5.40
N TRP C 61 6.84 -9.48 -4.49
CA TRP C 61 7.60 -9.11 -3.29
C TRP C 61 8.96 -8.51 -3.64
N SER C 62 9.02 -7.81 -4.77
CA SER C 62 10.21 -7.11 -5.21
C SER C 62 9.92 -5.62 -5.26
N PHE C 63 10.79 -4.83 -4.65
CA PHE C 63 10.55 -3.40 -4.51
C PHE C 63 10.71 -2.72 -5.87
N TYR C 64 10.35 -1.43 -5.91
CA TYR C 64 10.76 -0.59 -7.02
C TYR C 64 10.92 0.84 -6.54
N LEU C 65 11.99 1.49 -6.98
CA LEU C 65 12.31 2.86 -6.61
C LEU C 65 12.48 3.69 -7.86
N LEU C 66 12.20 4.99 -7.72
CA LEU C 66 12.26 5.93 -8.83
C LEU C 66 12.97 7.19 -8.35
N TYR C 67 14.16 7.45 -8.86
CA TYR C 67 14.90 8.67 -8.51
C TYR C 67 14.75 9.65 -9.66
N TYR C 68 14.03 10.74 -9.40
CA TYR C 68 13.73 11.75 -10.40
C TYR C 68 14.40 13.07 -10.02
N THR C 69 15.21 13.60 -10.93
CA THR C 69 15.92 14.85 -10.70
C THR C 69 15.80 15.76 -11.91
N GLU C 70 15.56 17.04 -11.66
CA GLU C 70 15.49 18.01 -12.75
C GLU C 70 16.86 18.20 -13.38
N PHE C 71 16.88 18.33 -14.71
CA PHE C 71 18.12 18.59 -15.43
C PHE C 71 17.75 19.21 -16.77
N THR C 72 18.76 19.68 -17.48
CA THR C 72 18.62 20.22 -18.83
C THR C 72 19.56 19.45 -19.76
N PRO C 73 19.04 18.71 -20.74
CA PRO C 73 19.92 17.96 -21.64
C PRO C 73 20.72 18.87 -22.55
N THR C 74 21.88 18.38 -22.96
CA THR C 74 22.81 19.12 -23.80
C THR C 74 23.35 18.16 -24.85
N GLU C 75 23.81 18.71 -25.98
CA GLU C 75 24.33 17.89 -27.06
C GLU C 75 25.50 17.03 -26.61
N LYS C 76 26.36 17.56 -25.74
CA LYS C 76 27.48 16.79 -25.20
C LYS C 76 27.30 16.70 -23.68
N ASP C 77 26.51 15.72 -23.25
CA ASP C 77 26.38 15.29 -21.87
C ASP C 77 25.87 13.86 -21.87
N GLU C 78 26.49 13.00 -21.07
CA GLU C 78 26.09 11.60 -20.95
C GLU C 78 25.76 11.34 -19.49
N TYR C 79 24.49 11.53 -19.15
CA TYR C 79 23.99 11.21 -17.82
C TYR C 79 23.98 9.69 -17.62
N ALA C 80 24.07 9.26 -16.36
CA ALA C 80 24.14 7.85 -16.06
C ALA C 80 23.59 7.60 -14.66
N CYS C 81 23.46 6.32 -14.31
CA CYS C 81 22.97 5.93 -12.99
C CYS C 81 23.81 4.77 -12.50
N ARG C 82 24.41 4.93 -11.31
CA ARG C 82 25.17 3.90 -10.64
C ARG C 82 24.32 3.24 -9.57
N VAL C 83 24.43 1.91 -9.48
CA VAL C 83 23.69 1.12 -8.50
C VAL C 83 24.67 0.18 -7.79
N ASN C 84 24.84 0.37 -6.48
CA ASN C 84 25.56 -0.56 -5.63
C ASN C 84 24.55 -1.30 -4.77
N HIS C 85 24.61 -2.63 -4.81
CA HIS C 85 23.62 -3.46 -4.16
C HIS C 85 24.34 -4.67 -3.55
N VAL C 86 23.65 -5.35 -2.64
CA VAL C 86 24.22 -6.51 -1.96
C VAL C 86 24.56 -7.61 -2.95
N THR C 87 23.65 -7.90 -3.89
CA THR C 87 23.90 -8.97 -4.84
C THR C 87 24.98 -8.58 -5.85
N LEU C 88 25.03 -7.32 -6.22
CA LEU C 88 26.02 -6.86 -7.19
C LEU C 88 27.41 -6.87 -6.56
N SER C 89 28.35 -7.57 -7.23
CA SER C 89 29.73 -7.58 -6.76
C SER C 89 30.39 -6.22 -6.95
N GLN C 90 30.10 -5.55 -8.05
CA GLN C 90 30.63 -4.24 -8.39
C GLN C 90 29.46 -3.34 -8.76
N PRO C 91 29.55 -2.04 -8.48
CA PRO C 91 28.47 -1.13 -8.88
C PRO C 91 28.23 -1.15 -10.38
N LYS C 92 26.96 -1.15 -10.76
CA LYS C 92 26.54 -1.23 -12.15
C LYS C 92 26.12 0.16 -12.61
N ILE C 93 26.78 0.65 -13.65
CA ILE C 93 26.52 1.97 -14.19
C ILE C 93 25.85 1.80 -15.54
N VAL C 94 24.66 2.38 -15.70
CA VAL C 94 23.93 2.35 -16.96
C VAL C 94 23.85 3.77 -17.50
N LYS C 95 24.07 3.91 -18.80
CA LYS C 95 24.21 5.20 -19.45
C LYS C 95 22.91 5.60 -20.12
N TRP C 96 22.58 6.89 -20.05
CA TRP C 96 21.36 7.39 -20.65
C TRP C 96 21.46 7.32 -22.17
N ASP C 97 20.35 6.93 -22.80
CA ASP C 97 20.20 6.96 -24.25
C ASP C 97 18.97 7.78 -24.59
N ARG C 98 19.09 8.67 -25.57
CA ARG C 98 17.94 9.47 -25.99
C ARG C 98 16.84 8.59 -26.54
N ASP C 99 17.19 7.59 -27.34
CA ASP C 99 16.26 6.56 -27.80
C ASP C 99 16.71 5.25 -27.16
N MET C 100 16.14 4.95 -26.00
CA MET C 100 16.53 3.77 -25.23
C MET C 100 16.11 2.48 -25.92
N SER D 1 -9.40 4.05 4.54
CA SER D 1 -8.63 3.99 5.79
C SER D 1 -7.83 2.71 5.86
N LEU D 2 -7.37 2.40 7.07
CA LEU D 2 -6.59 1.21 7.35
C LEU D 2 -7.34 0.22 8.22
N LEU D 3 -6.78 -0.98 8.32
CA LEU D 3 -7.26 -1.94 9.30
C LEU D 3 -7.08 -1.38 10.70
N MET D 4 -8.15 -1.45 11.51
CA MET D 4 -8.14 -0.83 12.83
C MET D 4 -7.17 -1.52 13.76
N TRP D 5 -7.43 -2.79 14.05
CA TRP D 5 -6.64 -3.57 14.99
C TRP D 5 -5.94 -4.69 14.23
N ILE D 6 -4.62 -4.74 14.34
CA ILE D 6 -3.81 -5.71 13.60
C ILE D 6 -3.13 -6.63 14.59
N THR D 7 -3.28 -7.92 14.37
CA THR D 7 -2.76 -8.92 15.28
C THR D 7 -1.27 -9.13 15.05
N GLN D 8 -0.63 -9.78 16.02
CA GLN D 8 0.80 -9.97 16.01
C GLN D 8 1.12 -11.38 15.55
N CYS D 9 1.61 -11.48 14.31
CA CYS D 9 2.12 -12.71 13.72
C CYS D 9 3.17 -13.39 14.60
#